data_8K4X
#
_entry.id   8K4X
#
_cell.length_a   36.936
_cell.length_b   24.334
_cell.length_c   60.814
_cell.angle_alpha   90.000
_cell.angle_beta   104.851
_cell.angle_gamma   90.000
#
_symmetry.space_group_name_H-M   'P 1 21 1'
#
loop_
_entity.id
_entity.type
_entity.pdbx_description
1 polymer 'triple-helix region of human Collagen type XVII'
2 water water
#
_entity_poly.entity_id   1
_entity_poly.type   'polypeptide(L)'
_entity_poly.pdbx_seq_one_letter_code
;P(HYP)GP(HYP)GP(HYP)GPKGDQGEKGP(HYP)GP(HYP)GP(HYP)G
;
_entity_poly.pdbx_strand_id   A,B,C,D,E,F
#
# COMPACT_ATOMS: atom_id res chain seq x y z
N PRO A 1 1.04 -44.82 13.91
CA PRO A 1 1.11 -43.63 14.75
C PRO A 1 0.85 -42.39 13.89
N HYP A 2 0.03 -41.42 14.34
CA HYP A 2 -0.14 -40.18 13.59
C HYP A 2 1.17 -39.42 13.48
O HYP A 2 2.04 -39.56 14.33
CB HYP A 2 -1.10 -39.35 14.44
CG HYP A 2 -1.83 -40.42 15.26
CD HYP A 2 -0.75 -41.43 15.58
OD1 HYP A 2 -2.83 -41.04 14.45
N GLY A 3 1.27 -38.60 12.44
CA GLY A 3 2.46 -37.78 12.25
C GLY A 3 2.50 -36.62 13.23
N PRO A 4 3.64 -35.90 13.26
CA PRO A 4 3.79 -34.74 14.13
C PRO A 4 3.03 -33.56 13.56
N HYP A 5 2.85 -32.47 14.34
CA HYP A 5 2.29 -31.25 13.80
C HYP A 5 3.12 -30.73 12.66
O HYP A 5 4.34 -30.91 12.65
CB HYP A 5 2.33 -30.29 14.99
CG HYP A 5 2.23 -31.23 16.19
CD HYP A 5 3.12 -32.38 15.77
OD1 HYP A 5 0.88 -31.66 16.34
N GLY A 6 2.45 -30.06 11.72
CA GLY A 6 3.14 -29.40 10.64
C GLY A 6 4.00 -28.25 11.16
N PRO A 7 4.83 -27.67 10.27
CA PRO A 7 5.60 -26.50 10.62
C PRO A 7 4.72 -25.26 10.69
N HYP A 8 5.26 -24.14 11.22
CA HYP A 8 4.50 -22.90 11.29
C HYP A 8 4.01 -22.49 9.90
O HYP A 8 4.68 -22.74 8.90
CB HYP A 8 5.52 -21.91 11.84
CG HYP A 8 6.49 -22.77 12.64
CD HYP A 8 6.60 -24.00 11.79
OD1 HYP A 8 5.94 -23.08 13.92
N GLY A 9 2.86 -21.85 9.87
CA GLY A 9 2.25 -21.43 8.62
C GLY A 9 2.91 -20.18 8.04
N PRO A 10 2.45 -19.75 6.85
CA PRO A 10 3.03 -18.61 6.16
C PRO A 10 2.80 -17.30 6.92
N LYS A 11 3.70 -16.35 6.70
CA LYS A 11 3.58 -15.03 7.29
C LYS A 11 2.35 -14.34 6.72
N GLY A 12 1.71 -13.52 7.56
CA GLY A 12 0.60 -12.69 7.12
C GLY A 12 1.01 -11.64 6.09
N ASP A 13 0.03 -11.10 5.37
CA ASP A 13 0.27 -10.01 4.45
C ASP A 13 0.66 -8.75 5.20
N GLN A 14 1.35 -7.85 4.50
CA GLN A 14 1.66 -6.54 5.04
C GLN A 14 0.36 -5.80 5.34
N GLY A 15 0.41 -4.98 6.39
CA GLY A 15 -0.72 -4.16 6.78
C GLY A 15 -1.07 -3.15 5.70
N GLU A 16 -2.27 -2.59 5.82
CA GLU A 16 -2.72 -1.61 4.84
C GLU A 16 -1.98 -0.29 5.08
N LYS A 17 -1.97 0.53 4.03
CA LYS A 17 -1.41 1.87 4.08
C LYS A 17 -2.06 2.66 5.21
N GLY A 18 -1.27 3.56 5.80
CA GLY A 18 -1.72 4.30 6.95
C GLY A 18 -2.79 5.33 6.60
N PRO A 19 -3.35 5.99 7.64
CA PRO A 19 -4.31 7.06 7.43
C PRO A 19 -3.62 8.30 6.86
N HYP A 20 -4.40 9.22 6.26
CA HYP A 20 -3.82 10.44 5.69
C HYP A 20 -3.07 11.22 6.74
O HYP A 20 -3.42 11.17 7.93
CB HYP A 20 -5.05 11.22 5.21
CG HYP A 20 -6.07 10.13 4.96
CD HYP A 20 -5.85 9.15 6.08
OD1 HYP A 20 -5.83 9.50 3.71
N GLY A 21 -2.07 11.97 6.28
CA GLY A 21 -1.30 12.82 7.17
C GLY A 21 -2.09 14.05 7.59
N PRO A 22 -1.52 14.86 8.50
CA PRO A 22 -2.21 16.05 9.00
C PRO A 22 -2.34 17.11 7.91
N HYP A 23 -3.27 18.06 8.04
CA HYP A 23 -3.30 19.23 7.16
C HYP A 23 -1.97 19.95 7.23
O HYP A 23 -1.32 19.94 8.28
CB HYP A 23 -4.40 20.11 7.77
CG HYP A 23 -5.30 19.12 8.47
CD HYP A 23 -4.33 18.11 9.06
OD1 HYP A 23 -6.17 18.50 7.52
N GLY A 24 -1.59 20.56 6.11
CA GLY A 24 -0.36 21.32 6.05
C GLY A 24 -0.46 22.59 6.90
N PRO A 25 0.67 23.30 7.11
CA PRO A 25 0.68 24.49 7.95
C PRO A 25 0.25 25.81 7.28
N HYP B 2 1.05 -47.38 7.35
CA HYP B 2 1.56 -46.04 7.64
C HYP B 2 0.51 -45.28 8.45
O HYP B 2 -0.69 -45.50 8.25
CB HYP B 2 1.81 -45.44 6.24
CG HYP B 2 2.13 -46.65 5.37
CD HYP B 2 1.92 -47.85 6.28
OD1 HYP B 2 3.49 -46.56 4.96
N GLY B 3 0.96 -44.46 9.40
CA GLY B 3 0.05 -43.70 10.25
C GLY B 3 -0.55 -42.53 9.51
N PRO B 4 -1.60 -41.90 10.06
CA PRO B 4 -2.23 -40.75 9.43
C PRO B 4 -1.33 -39.52 9.52
N HYP B 5 -1.52 -38.54 8.62
CA HYP B 5 -0.76 -37.30 8.69
C HYP B 5 -0.99 -36.60 10.01
O HYP B 5 -2.02 -36.73 10.63
CB HYP B 5 -1.29 -36.48 7.53
CG HYP B 5 -1.79 -37.55 6.56
CD HYP B 5 -2.44 -38.56 7.47
OD1 HYP B 5 -0.69 -38.11 5.86
N GLY B 6 0.02 -35.83 10.41
CA GLY B 6 -0.10 -35.00 11.60
C GLY B 6 -1.09 -33.88 11.38
N PRO B 7 -1.42 -33.16 12.46
CA PRO B 7 -2.36 -32.05 12.36
C PRO B 7 -1.71 -30.84 11.74
N HYP B 8 -2.50 -29.83 11.34
CA HYP B 8 -1.95 -28.59 10.83
C HYP B 8 -1.01 -27.96 11.86
O HYP B 8 -1.18 -28.11 13.05
CB HYP B 8 -3.19 -27.73 10.58
CG HYP B 8 -4.31 -28.74 10.39
CD HYP B 8 -3.97 -29.83 11.37
OD1 HYP B 8 -4.28 -29.25 9.06
N GLY B 9 0.00 -27.26 11.36
CA GLY B 9 0.97 -26.61 12.23
C GLY B 9 0.42 -25.34 12.88
N PRO B 10 1.27 -24.65 13.66
CA PRO B 10 0.92 -23.38 14.24
C PRO B 10 0.65 -22.30 13.20
N LYS B 11 -0.16 -21.31 13.58
CA LYS B 11 -0.37 -20.12 12.76
C LYS B 11 0.96 -19.41 12.54
N GLY B 12 1.08 -18.80 11.35
CA GLY B 12 2.27 -18.05 10.99
C GLY B 12 2.38 -16.72 11.73
N ASP B 13 3.50 -16.05 11.48
CA ASP B 13 3.80 -14.75 12.04
C ASP B 13 2.88 -13.67 11.45
N GLN B 14 2.63 -12.63 12.23
CA GLN B 14 1.88 -11.49 11.74
C GLN B 14 2.69 -10.80 10.65
N GLY B 15 1.98 -10.23 9.67
CA GLY B 15 2.60 -9.46 8.62
C GLY B 15 3.30 -8.22 9.16
N GLU B 16 4.18 -7.64 8.33
CA GLU B 16 4.83 -6.40 8.65
C GLU B 16 3.83 -5.25 8.62
N LYS B 17 4.20 -4.18 9.31
CA LYS B 17 3.36 -3.00 9.39
C LYS B 17 3.20 -2.41 8.01
N GLY B 18 2.05 -1.79 7.78
CA GLY B 18 1.76 -1.17 6.52
C GLY B 18 2.60 0.07 6.25
N PRO B 19 2.62 0.53 4.99
CA PRO B 19 3.36 1.73 4.62
C PRO B 19 2.71 2.99 5.15
N HYP B 20 3.42 4.13 5.14
CA HYP B 20 2.85 5.40 5.56
C HYP B 20 1.64 5.75 4.71
O HYP B 20 1.56 5.33 3.56
CB HYP B 20 3.96 6.41 5.34
CG HYP B 20 5.22 5.56 5.41
CD HYP B 20 4.82 4.28 4.71
OD1 HYP B 20 5.57 5.26 6.76
N GLY B 21 0.71 6.51 5.31
CA GLY B 21 -0.50 6.90 4.62
C GLY B 21 -0.23 7.97 3.58
N PRO B 22 -1.29 8.39 2.87
CA PRO B 22 -1.21 9.49 1.91
C PRO B 22 -0.86 10.80 2.59
N HYP B 23 -0.30 11.77 1.84
CA HYP B 23 -0.04 13.10 2.38
C HYP B 23 -1.35 13.72 2.84
O HYP B 23 -2.40 13.42 2.28
CB HYP B 23 0.52 13.87 1.17
CG HYP B 23 1.11 12.77 0.30
CD HYP B 23 0.11 11.65 0.44
OD1 HYP B 23 2.36 12.35 0.81
N GLY B 24 -1.24 14.59 3.83
CA GLY B 24 -2.38 15.32 4.31
C GLY B 24 -2.88 16.34 3.30
N PRO B 25 -4.03 16.97 3.56
CA PRO B 25 -4.53 18.04 2.69
C PRO B 25 -3.64 19.28 2.76
N HYP B 26 -3.65 20.15 1.72
CA HYP B 26 -2.82 21.35 1.74
C HYP B 26 -3.17 22.28 2.89
O HYP B 26 -4.30 22.27 3.37
CB HYP B 26 -3.18 22.04 0.41
CG HYP B 26 -3.69 20.91 -0.47
CD HYP B 26 -4.44 20.01 0.49
OD1 HYP B 26 -2.58 20.25 -1.04
N GLY B 27 -2.20 23.10 3.27
CA GLY B 27 -2.37 24.09 4.32
C GLY B 27 -3.42 25.14 3.97
N HYP C 2 3.99 -44.48 11.51
CA HYP C 2 4.92 -43.52 10.88
C HYP C 2 4.22 -42.51 9.97
O HYP C 2 4.40 -42.56 8.75
CB HYP C 2 5.84 -44.47 10.11
CG HYP C 2 4.87 -45.55 9.64
CD HYP C 2 4.08 -45.82 10.90
OD1 HYP C 2 5.58 -46.71 9.25
N GLY C 3 3.44 -41.60 10.55
CA GLY C 3 2.68 -40.64 9.75
C GLY C 3 3.54 -39.51 9.24
N PRO C 4 3.18 -38.90 8.08
CA PRO C 4 3.86 -37.71 7.58
C PRO C 4 3.51 -36.48 8.41
N HYP C 5 4.25 -35.36 8.26
CA HYP C 5 3.90 -34.13 8.97
C HYP C 5 2.58 -33.58 8.46
O HYP C 5 2.18 -33.81 7.33
CB HYP C 5 5.05 -33.19 8.61
CG HYP C 5 6.20 -34.13 8.24
CD HYP C 5 5.51 -35.24 7.50
OD1 HYP C 5 6.80 -34.64 9.43
N GLY C 6 1.89 -32.85 9.34
CA GLY C 6 0.59 -32.32 9.02
C GLY C 6 0.67 -31.23 7.97
N PRO C 7 -0.49 -30.75 7.49
CA PRO C 7 -0.49 -29.64 6.54
C PRO C 7 0.08 -28.40 7.20
N HYP C 8 0.59 -27.44 6.41
CA HYP C 8 1.15 -26.21 6.97
C HYP C 8 0.11 -25.53 7.84
O HYP C 8 -1.09 -25.62 7.58
CB HYP C 8 1.46 -25.40 5.72
CG HYP C 8 1.74 -26.46 4.67
CD HYP C 8 0.66 -27.48 4.94
OD1 HYP C 8 3.02 -27.04 4.88
N GLY C 9 0.59 -24.83 8.88
CA GLY C 9 -0.29 -24.07 9.72
C GLY C 9 -1.00 -22.96 8.95
N PRO C 10 -2.04 -22.36 9.55
CA PRO C 10 -2.74 -21.25 8.92
C PRO C 10 -1.84 -20.03 8.73
N LYS C 11 -2.16 -19.23 7.71
CA LYS C 11 -1.42 -18.00 7.46
C LYS C 11 -1.60 -17.06 8.63
N GLY C 12 -0.55 -16.28 8.92
CA GLY C 12 -0.59 -15.33 10.02
C GLY C 12 -1.55 -14.17 9.76
N ASP C 13 -1.75 -13.38 10.81
CA ASP C 13 -2.60 -12.20 10.76
C ASP C 13 -2.04 -11.16 9.82
N GLN C 14 -2.91 -10.34 9.22
CA GLN C 14 -2.42 -9.23 8.42
C GLN C 14 -1.74 -8.25 9.36
N GLY C 15 -0.70 -7.59 8.86
CA GLY C 15 0.03 -6.61 9.64
C GLY C 15 -0.84 -5.44 10.06
N GLU C 16 -0.32 -4.67 11.02
CA GLU C 16 -1.05 -3.52 11.50
C GLU C 16 -1.01 -2.41 10.47
N LYS C 17 -2.00 -1.52 10.57
CA LYS C 17 -2.12 -0.43 9.62
C LYS C 17 -0.89 0.46 9.77
N GLY C 18 -0.48 1.06 8.66
CA GLY C 18 0.70 1.91 8.65
C GLY C 18 0.48 3.20 9.43
N PRO C 19 1.57 3.95 9.66
CA PRO C 19 1.47 5.22 10.38
C PRO C 19 0.82 6.30 9.52
N HYP C 20 0.43 7.45 10.11
CA HYP C 20 -0.09 8.57 9.33
C HYP C 20 0.93 9.02 8.28
O HYP C 20 2.14 8.85 8.47
CB HYP C 20 -0.25 9.68 10.36
CG HYP C 20 -0.45 8.93 11.68
CD HYP C 20 0.47 7.74 11.55
OD1 HYP C 20 -1.81 8.50 11.76
N GLY C 21 0.40 9.57 7.20
CA GLY C 21 1.23 10.00 6.10
C GLY C 21 1.91 11.32 6.41
N PRO C 22 2.68 11.83 5.43
CA PRO C 22 3.37 13.10 5.59
C PRO C 22 2.41 14.27 5.71
N HYP C 23 2.81 15.38 6.35
CA HYP C 23 1.99 16.58 6.39
C HYP C 23 1.73 17.05 4.97
O HYP C 23 2.55 16.84 4.09
CB HYP C 23 2.87 17.58 7.13
CG HYP C 23 3.80 16.71 7.96
CD HYP C 23 4.10 15.55 7.05
OD1 HYP C 23 3.14 16.25 9.12
N GLY C 24 0.57 17.68 4.78
CA GLY C 24 0.22 18.24 3.49
C GLY C 24 1.11 19.44 3.16
N PRO C 25 1.08 19.90 1.90
CA PRO C 25 1.89 21.05 1.51
C PRO C 25 1.49 22.32 2.26
N HYP C 26 2.44 23.23 2.57
CA HYP C 26 2.08 24.51 3.18
C HYP C 26 1.20 25.32 2.22
O HYP C 26 1.30 25.16 1.01
CB HYP C 26 3.43 25.20 3.39
CG HYP C 26 4.46 24.08 3.36
CD HYP C 26 3.88 23.07 2.40
OD1 HYP C 26 4.60 23.50 4.66
N GLY C 27 0.34 26.17 2.79
CA GLY C 27 -0.58 26.99 2.01
C GLY C 27 -0.14 28.44 1.93
N PRO D 1 -1.77 45.02 -14.20
CA PRO D 1 -2.34 43.81 -14.79
C PRO D 1 -2.48 42.64 -13.82
N HYP D 2 -3.20 41.56 -14.21
CA HYP D 2 -3.27 40.37 -13.37
C HYP D 2 -1.91 39.75 -13.17
O HYP D 2 -1.01 39.88 -14.00
CB HYP D 2 -4.14 39.41 -14.19
CG HYP D 2 -4.92 40.32 -15.13
CD HYP D 2 -3.93 41.41 -15.47
OD1 HYP D 2 -6.03 40.84 -14.43
N GLY D 3 -1.78 38.99 -12.08
CA GLY D 3 -0.59 38.21 -11.86
C GLY D 3 -0.47 37.03 -12.81
N PRO D 4 0.72 36.39 -12.84
CA PRO D 4 0.92 35.23 -13.68
C PRO D 4 0.25 34.00 -13.08
N HYP D 5 0.17 32.89 -13.84
CA HYP D 5 -0.42 31.67 -13.33
C HYP D 5 0.29 31.17 -12.09
O HYP D 5 1.49 31.34 -11.94
CB HYP D 5 -0.24 30.69 -14.49
CG HYP D 5 -0.21 31.60 -15.71
CD HYP D 5 0.62 32.75 -15.22
OD1 HYP D 5 -1.51 32.04 -16.04
N GLY D 6 -0.48 30.52 -11.23
CA GLY D 6 0.07 29.87 -10.06
C GLY D 6 0.93 28.69 -10.46
N PRO D 7 1.61 28.10 -9.48
CA PRO D 7 2.44 26.94 -9.78
C PRO D 7 1.58 25.71 -10.01
N HYP D 8 2.13 24.67 -10.67
CA HYP D 8 1.44 23.41 -10.81
C HYP D 8 1.04 22.90 -9.43
O HYP D 8 1.74 23.13 -8.43
CB HYP D 8 2.47 22.52 -11.49
CG HYP D 8 3.39 23.49 -12.21
CD HYP D 8 3.47 24.66 -11.27
OD1 HYP D 8 2.82 23.94 -13.44
N GLY D 9 -0.05 22.16 -9.38
CA GLY D 9 -0.48 21.54 -8.15
C GLY D 9 0.48 20.46 -7.67
N PRO D 10 0.25 19.96 -6.45
CA PRO D 10 1.07 18.89 -5.91
C PRO D 10 0.97 17.61 -6.74
N LYS D 11 2.06 16.83 -6.72
CA LYS D 11 2.08 15.54 -7.39
C LYS D 11 1.01 14.64 -6.77
N GLY D 12 0.42 13.78 -7.60
CA GLY D 12 -0.59 12.86 -7.13
C GLY D 12 0.00 11.82 -6.16
N ASP D 13 -0.90 11.16 -5.43
CA ASP D 13 -0.52 10.12 -4.51
C ASP D 13 -0.07 8.88 -5.27
N GLN D 14 0.71 8.05 -4.57
CA GLN D 14 1.15 6.79 -5.13
C GLN D 14 -0.06 5.91 -5.43
N GLY D 15 0.07 5.12 -6.49
CA GLY D 15 -0.95 4.16 -6.87
C GLY D 15 -1.19 3.12 -5.79
N GLU D 16 -2.33 2.45 -5.91
CA GLU D 16 -2.72 1.37 -5.02
C GLU D 16 -1.81 0.17 -5.22
N LYS D 17 -1.67 -0.64 -4.18
CA LYS D 17 -0.97 -1.90 -4.27
C LYS D 17 -1.66 -2.79 -5.29
N GLY D 18 -0.88 -3.64 -5.93
CA GLY D 18 -1.40 -4.57 -6.92
C GLY D 18 -2.21 -5.68 -6.27
N PRO D 19 -2.85 -6.54 -7.09
CA PRO D 19 -3.63 -7.65 -6.58
C PRO D 19 -2.72 -8.75 -6.04
N HYP D 20 -3.25 -9.69 -5.23
CA HYP D 20 -2.46 -10.81 -4.76
C HYP D 20 -1.90 -11.61 -5.94
O HYP D 20 -2.49 -11.61 -7.01
CB HYP D 20 -3.46 -11.67 -3.99
CG HYP D 20 -4.53 -10.68 -3.56
CD HYP D 20 -4.63 -9.72 -4.73
OD1 HYP D 20 -4.07 -10.02 -2.39
N GLY D 21 -0.79 -12.28 -5.71
CA GLY D 21 -0.15 -13.08 -6.73
C GLY D 21 -0.92 -14.36 -7.01
N PRO D 22 -0.44 -15.17 -7.98
CA PRO D 22 -1.10 -16.43 -8.31
C PRO D 22 -1.05 -17.41 -7.14
N HYP D 23 -2.04 -18.31 -7.03
CA HYP D 23 -1.98 -19.35 -6.01
C HYP D 23 -0.72 -20.17 -6.24
O HYP D 23 -0.27 -20.31 -7.37
CB HYP D 23 -3.22 -20.21 -6.29
CG HYP D 23 -4.15 -19.27 -7.05
CD HYP D 23 -3.22 -18.42 -7.88
OD1 HYP D 23 -4.87 -18.49 -6.11
N GLY D 24 -0.18 -20.73 -5.15
CA GLY D 24 0.88 -21.70 -5.27
C GLY D 24 0.39 -22.96 -5.97
N PRO D 25 1.29 -23.75 -6.58
CA PRO D 25 0.89 -25.02 -7.18
C PRO D 25 0.35 -26.02 -6.17
N HYP D 26 -0.43 -27.02 -6.59
CA HYP D 26 -0.96 -28.02 -5.68
C HYP D 26 0.17 -28.82 -5.02
O HYP D 26 1.23 -28.96 -5.61
CB HYP D 26 -1.78 -28.93 -6.58
CG HYP D 26 -2.11 -28.08 -7.79
CD HYP D 26 -0.87 -27.24 -7.98
OD1 HYP D 26 -3.24 -27.25 -7.50
N GLY D 27 -0.11 -29.36 -3.82
CA GLY D 27 0.80 -30.28 -3.16
C GLY D 27 0.75 -31.64 -3.83
N HYP E 2 -4.26 47.87 -7.43
CA HYP E 2 -3.32 46.78 -7.69
C HYP E 2 -3.96 45.67 -8.53
O HYP E 2 -5.17 45.53 -8.53
CB HYP E 2 -2.97 46.21 -6.31
CG HYP E 2 -3.35 47.33 -5.36
CD HYP E 2 -4.59 47.91 -5.99
OD1 HYP E 2 -2.31 48.29 -5.33
N GLY E 3 -3.11 44.92 -9.24
CA GLY E 3 -3.61 43.91 -10.14
C GLY E 3 -4.20 42.71 -9.42
N PRO E 4 -5.18 42.03 -10.03
CA PRO E 4 -5.78 40.86 -9.42
C PRO E 4 -4.82 39.68 -9.43
N HYP E 5 -5.06 38.67 -8.57
CA HYP E 5 -4.23 37.47 -8.55
C HYP E 5 -4.27 36.77 -9.90
O HYP E 5 -5.27 36.84 -10.60
CB HYP E 5 -4.89 36.60 -7.48
CG HYP E 5 -5.60 37.61 -6.60
CD HYP E 5 -6.15 38.61 -7.58
OD1 HYP E 5 -4.69 38.26 -5.73
N GLY E 6 -3.17 36.09 -10.22
CA GLY E 6 -3.15 35.25 -11.39
C GLY E 6 -4.09 34.08 -11.28
N PRO E 7 -4.27 33.34 -12.39
CA PRO E 7 -5.16 32.19 -12.38
C PRO E 7 -4.55 31.01 -11.64
N HYP E 8 -5.37 30.04 -11.23
CA HYP E 8 -4.86 28.80 -10.67
C HYP E 8 -3.85 28.17 -11.61
O HYP E 8 -3.98 28.25 -12.82
CB HYP E 8 -6.13 27.93 -10.55
CG HYP E 8 -7.24 28.95 -10.36
CD HYP E 8 -6.83 30.07 -11.29
OD1 HYP E 8 -7.26 29.35 -9.00
N GLY E 9 -2.82 27.56 -11.01
CA GLY E 9 -1.82 26.88 -11.81
C GLY E 9 -2.34 25.62 -12.47
N PRO E 10 -1.50 24.98 -13.30
CA PRO E 10 -1.82 23.70 -13.90
C PRO E 10 -2.03 22.60 -12.88
N LYS E 11 -2.72 21.55 -13.31
CA LYS E 11 -2.83 20.33 -12.52
C LYS E 11 -1.45 19.71 -12.34
N GLY E 12 -1.26 19.08 -11.19
CA GLY E 12 0.00 18.44 -10.86
C GLY E 12 0.24 17.17 -11.66
N ASP E 13 1.45 16.65 -11.53
CA ASP E 13 1.86 15.42 -12.18
C ASP E 13 1.22 14.21 -11.50
N GLN E 14 1.06 13.15 -12.26
CA GLN E 14 0.50 11.91 -11.75
C GLN E 14 1.45 11.31 -10.74
N GLY E 15 0.87 10.66 -9.74
CA GLY E 15 1.64 9.93 -8.74
C GLY E 15 2.37 8.73 -9.30
N GLU E 16 3.29 8.22 -8.50
CA GLU E 16 4.10 7.05 -8.82
C GLU E 16 3.23 5.80 -8.85
N LYS E 17 3.69 4.82 -9.62
CA LYS E 17 2.98 3.56 -9.72
C LYS E 17 2.98 2.87 -8.35
N GLY E 18 1.90 2.14 -8.08
CA GLY E 18 1.76 1.44 -6.82
C GLY E 18 2.72 0.27 -6.66
N PRO E 19 2.87 -0.22 -5.42
CA PRO E 19 3.76 -1.33 -5.13
C PRO E 19 3.14 -2.65 -5.57
N HYP E 20 3.95 -3.72 -5.63
CA HYP E 20 3.45 -5.04 -5.97
C HYP E 20 2.41 -5.49 -4.95
O HYP E 20 2.44 -5.06 -3.80
CB HYP E 20 4.68 -5.94 -5.90
CG HYP E 20 5.85 -4.98 -6.06
CD HYP E 20 5.40 -3.76 -5.31
OD1 HYP E 20 6.05 -4.69 -7.43
N GLY E 21 1.51 -6.36 -5.37
CA GLY E 21 0.54 -6.96 -4.49
C GLY E 21 1.15 -7.95 -3.51
N PRO E 22 0.36 -8.44 -2.55
CA PRO E 22 0.81 -9.46 -1.60
C PRO E 22 1.09 -10.78 -2.29
N HYP E 23 1.85 -11.69 -1.65
CA HYP E 23 2.02 -13.04 -2.17
C HYP E 23 0.67 -13.71 -2.34
O HYP E 23 -0.24 -13.43 -1.58
CB HYP E 23 2.81 -13.76 -1.07
CG HYP E 23 3.55 -12.64 -0.36
CD HYP E 23 2.56 -11.50 -0.38
OD1 HYP E 23 4.70 -12.31 -1.11
N GLY E 24 0.59 -14.60 -3.33
CA GLY E 24 -0.61 -15.36 -3.56
C GLY E 24 -0.84 -16.37 -2.43
N PRO E 25 -2.03 -16.99 -2.40
CA PRO E 25 -2.33 -17.97 -1.36
C PRO E 25 -1.54 -19.25 -1.57
N HYP E 26 -1.37 -20.08 -0.52
CA HYP E 26 -0.74 -21.39 -0.67
C HYP E 26 -1.53 -22.28 -1.62
O HYP E 26 -2.73 -22.10 -1.75
CB HYP E 26 -0.81 -21.97 0.74
CG HYP E 26 -0.88 -20.76 1.65
CD HYP E 26 -1.75 -19.80 0.89
OD1 HYP E 26 0.43 -20.24 1.83
N GLY E 27 -0.83 -23.20 -2.29
CA GLY E 27 -1.45 -24.15 -3.20
C GLY E 27 -2.27 -25.22 -2.48
N PRO F 1 0.91 48.16 -8.16
CA PRO F 1 1.77 47.07 -8.65
C PRO F 1 0.95 45.93 -9.25
N HYP F 2 1.56 45.10 -10.13
CA HYP F 2 0.84 43.99 -10.74
C HYP F 2 0.42 42.97 -9.70
O HYP F 2 0.88 42.99 -8.55
CB HYP F 2 1.86 43.40 -11.73
CG HYP F 2 2.83 44.55 -11.96
CD HYP F 2 2.94 45.19 -10.60
OD1 HYP F 2 2.27 45.45 -12.92
N GLY F 3 -0.51 42.10 -10.10
CA GLY F 3 -1.10 41.16 -9.16
C GLY F 3 -0.16 40.03 -8.81
N PRO F 4 -0.40 39.34 -7.67
CA PRO F 4 0.46 38.25 -7.26
C PRO F 4 0.23 37.02 -8.12
N HYP F 5 1.16 36.06 -8.09
CA HYP F 5 0.97 34.79 -8.79
C HYP F 5 -0.28 34.09 -8.27
O HYP F 5 -0.67 34.28 -7.12
CB HYP F 5 2.23 34.02 -8.43
CG HYP F 5 3.25 35.08 -8.08
CD HYP F 5 2.43 36.10 -7.34
OD1 HYP F 5 3.79 35.68 -9.24
N GLY F 6 -0.91 33.33 -9.15
CA GLY F 6 -2.13 32.63 -8.78
C GLY F 6 -1.87 31.54 -7.76
N PRO F 7 -2.94 30.90 -7.30
CA PRO F 7 -2.81 29.81 -6.35
C PRO F 7 -2.34 28.53 -7.02
N HYP F 8 -1.84 27.57 -6.22
CA HYP F 8 -1.41 26.30 -6.77
C HYP F 8 -2.54 25.63 -7.52
O HYP F 8 -3.70 25.78 -7.15
CB HYP F 8 -0.98 25.51 -5.53
CG HYP F 8 -0.59 26.59 -4.54
CD HYP F 8 -1.64 27.66 -4.77
OD1 HYP F 8 0.70 27.09 -4.82
N GLY F 9 -2.19 24.86 -8.54
CA GLY F 9 -3.17 24.14 -9.33
C GLY F 9 -3.72 22.93 -8.61
N PRO F 10 -4.66 22.22 -9.25
CA PRO F 10 -5.21 20.98 -8.70
C PRO F 10 -4.15 19.91 -8.51
N LYS F 11 -4.35 19.08 -7.47
CA LYS F 11 -3.46 17.97 -7.22
C LYS F 11 -3.53 17.01 -8.39
N GLY F 12 -2.39 16.37 -8.69
CA GLY F 12 -2.33 15.42 -9.77
C GLY F 12 -3.11 14.15 -9.48
N ASP F 13 -3.31 13.36 -10.54
CA ASP F 13 -3.99 12.08 -10.45
C ASP F 13 -3.19 11.09 -9.62
N GLN F 14 -3.88 10.16 -8.97
CA GLN F 14 -3.22 9.07 -8.28
C GLN F 14 -2.51 8.21 -9.32
N GLY F 15 -1.37 7.64 -8.92
CA GLY F 15 -0.64 6.75 -9.78
C GLY F 15 -1.41 5.49 -10.15
N GLU F 16 -0.86 4.75 -11.11
CA GLU F 16 -1.48 3.52 -11.59
C GLU F 16 -1.30 2.42 -10.55
N LYS F 17 -2.21 1.46 -10.59
CA LYS F 17 -2.20 0.35 -9.66
C LYS F 17 -0.94 -0.48 -9.89
N GLY F 18 -0.42 -1.06 -8.83
CA GLY F 18 0.81 -1.84 -8.90
C GLY F 18 0.58 -3.21 -9.54
N PRO F 19 1.68 -3.94 -9.82
CA PRO F 19 1.59 -5.25 -10.45
C PRO F 19 1.13 -6.32 -9.48
N HYP F 20 0.69 -7.49 -9.98
CA HYP F 20 0.35 -8.62 -9.12
C HYP F 20 1.53 -9.02 -8.24
O HYP F 20 2.67 -8.81 -8.63
CB HYP F 20 0.04 -9.76 -10.10
CG HYP F 20 -0.37 -9.03 -11.37
CD HYP F 20 0.53 -7.82 -11.40
OD1 HYP F 20 -1.73 -8.67 -11.26
N GLY F 21 1.22 -9.57 -7.08
CA GLY F 21 2.23 -10.00 -6.14
C GLY F 21 2.93 -11.28 -6.57
N PRO F 22 3.88 -11.76 -5.75
CA PRO F 22 4.58 -13.01 -6.03
C PRO F 22 3.66 -14.22 -5.92
N HYP F 23 4.05 -15.36 -6.52
CA HYP F 23 3.28 -16.58 -6.37
C HYP F 23 3.21 -16.98 -4.91
O HYP F 23 4.15 -16.74 -4.17
CB HYP F 23 4.09 -17.62 -7.15
CG HYP F 23 4.83 -16.77 -8.18
CD HYP F 23 5.22 -15.54 -7.39
OD1 HYP F 23 3.97 -16.42 -9.25
N GLY F 24 2.09 -17.60 -4.54
CA GLY F 24 1.92 -18.11 -3.20
C GLY F 24 2.81 -19.30 -2.95
N PRO F 25 2.94 -19.73 -1.68
CA PRO F 25 3.73 -20.90 -1.36
C PRO F 25 3.17 -22.18 -1.99
N HYP F 26 4.01 -23.12 -2.42
CA HYP F 26 3.51 -24.40 -2.94
C HYP F 26 2.71 -25.15 -1.88
O HYP F 26 3.00 -25.00 -0.69
CB HYP F 26 4.80 -25.16 -3.27
CG HYP F 26 5.81 -24.06 -3.51
CD HYP F 26 5.48 -23.03 -2.46
OD1 HYP F 26 5.66 -23.50 -4.82
N GLY F 27 1.72 -25.94 -2.31
CA GLY F 27 0.99 -26.82 -1.44
C GLY F 27 1.87 -27.96 -0.97
#